data_5MKY
#
_entry.id   5MKY
#
_cell.length_a   24.551
_cell.length_b   34.076
_cell.length_c   39.750
_cell.angle_alpha   68.21
_cell.angle_beta   76.01
_cell.angle_gamma   73.37
#
_symmetry.space_group_name_H-M   'P 1'
#
loop_
_entity.id
_entity.type
_entity.pdbx_description
1 polymer 'Bromodomain-containing protein 9'
2 non-polymer 4-chloranyl-2-methyl-5-[(2-methyl-3,4-dihydro-1~{H}-isoquinolin-5-yl)amino]pyridazin-3-one
3 water water
#
_entity_poly.entity_id   1
_entity_poly.type   'polypeptide(L)'
_entity_poly.pdbx_seq_one_letter_code
;GAENESTPIQQLLEHFLRQLQRKDPHGFFAFPVTDAIAPGYSMIIKHPMDFGTMKDKIVANEYKSVTEFKADFKLMCDNA
MTYNRPDTVYYKLAKKILHAGFKMMS
;
_entity_poly.pdbx_strand_id   A
#
loop_
_chem_comp.id
_chem_comp.type
_chem_comp.name
_chem_comp.formula
I0D non-polymer 4-chloranyl-2-methyl-5-[(2-methyl-3,4-dihydro-1~{H}-isoquinolin-5-yl)amino]pyridazin-3-one 'C15 H17 Cl N4 O'
#
# COMPACT_ATOMS: atom_id res chain seq x y z
N SER A 6 -11.66 -12.42 14.74
CA SER A 6 -10.40 -12.11 14.00
C SER A 6 -9.29 -13.10 14.36
N THR A 7 -8.75 -13.75 13.32
CA THR A 7 -7.71 -14.77 13.50
C THR A 7 -6.38 -14.11 13.88
N PRO A 8 -5.40 -14.92 14.31
CA PRO A 8 -4.09 -14.35 14.66
C PRO A 8 -3.45 -13.60 13.48
N ILE A 9 -3.51 -14.16 12.28
CA ILE A 9 -2.97 -13.46 11.12
C ILE A 9 -3.70 -12.10 10.90
N GLN A 10 -5.02 -12.11 10.98
CA GLN A 10 -5.78 -10.86 10.82
C GLN A 10 -5.32 -9.81 11.85
N GLN A 11 -5.18 -10.23 13.11
CA GLN A 11 -4.76 -9.30 14.13
C GLN A 11 -3.36 -8.73 13.85
N LEU A 12 -2.42 -9.59 13.44
CA LEU A 12 -1.04 -9.15 13.14
C LEU A 12 -1.05 -8.17 11.97
N LEU A 13 -1.78 -8.52 10.93
CA LEU A 13 -1.85 -7.64 9.75
C LEU A 13 -2.53 -6.31 10.06
N GLU A 14 -3.56 -6.29 10.92
CA GLU A 14 -4.18 -5.03 11.34
CA GLU A 14 -4.17 -5.02 11.32
C GLU A 14 -3.13 -4.15 12.04
N HIS A 15 -2.32 -4.76 12.88
CA HIS A 15 -1.24 -4.07 13.58
C HIS A 15 -0.26 -3.46 12.60
N PHE A 16 0.25 -4.28 11.67
CA PHE A 16 1.19 -3.78 10.66
C PHE A 16 0.58 -2.63 9.85
N LEU A 17 -0.68 -2.78 9.46
CA LEU A 17 -1.31 -1.78 8.59
C LEU A 17 -1.42 -0.44 9.31
N ARG A 18 -1.83 -0.48 10.59
CA ARG A 18 -1.88 0.72 11.42
C ARG A 18 -0.54 1.42 11.43
N GLN A 19 0.53 0.65 11.66
CA GLN A 19 1.88 1.22 11.73
C GLN A 19 2.36 1.75 10.37
N LEU A 20 2.02 1.04 9.30
CA LEU A 20 2.37 1.51 7.95
C LEU A 20 1.66 2.83 7.62
N GLN A 21 0.38 2.91 7.96
CA GLN A 21 -0.39 4.10 7.63
C GLN A 21 0.10 5.34 8.37
N ARG A 22 0.65 5.15 9.56
CA ARG A 22 1.27 6.26 10.32
C ARG A 22 2.40 6.90 9.55
N LYS A 23 3.02 6.16 8.63
CA LYS A 23 4.11 6.68 7.80
C LYS A 23 3.62 7.53 6.60
N ASP A 24 2.30 7.59 6.41
CA ASP A 24 1.67 8.33 5.33
C ASP A 24 0.66 9.29 5.96
N PRO A 25 1.16 10.34 6.64
CA PRO A 25 0.22 11.22 7.35
C PRO A 25 -0.76 11.99 6.45
N HIS A 26 -0.38 12.29 5.22
CA HIS A 26 -1.30 12.94 4.25
C HIS A 26 -2.37 12.01 3.72
N GLY A 27 -2.18 10.70 3.92
CA GLY A 27 -3.11 9.70 3.41
C GLY A 27 -3.08 9.59 1.88
N PHE A 28 -1.93 9.91 1.28
CA PHE A 28 -1.77 9.76 -0.16
C PHE A 28 -2.04 8.30 -0.62
N PHE A 29 -1.73 7.33 0.25
CA PHE A 29 -1.92 5.91 -0.04
C PHE A 29 -3.15 5.31 0.63
N ALA A 30 -4.00 6.17 1.23
CA ALA A 30 -5.15 5.69 2.00
C ALA A 30 -6.25 5.08 1.13
N PHE A 31 -6.39 5.55 -0.12
CA PHE A 31 -7.51 5.19 -0.96
C PHE A 31 -7.04 5.06 -2.40
N PRO A 32 -7.83 4.39 -3.24
CA PRO A 32 -7.36 4.21 -4.63
C PRO A 32 -7.12 5.49 -5.41
N VAL A 33 -6.07 5.50 -6.23
CA VAL A 33 -5.79 6.62 -7.13
C VAL A 33 -6.80 6.65 -8.29
N THR A 34 -7.44 7.80 -8.50
CA THR A 34 -8.36 7.93 -9.65
C THR A 34 -7.66 8.54 -10.86
N ASP A 35 -8.15 8.21 -12.05
CA ASP A 35 -7.65 8.87 -13.27
C ASP A 35 -7.92 10.38 -13.25
N ALA A 36 -8.97 10.80 -12.57
CA ALA A 36 -9.23 12.24 -12.41
C ALA A 36 -8.06 12.97 -11.75
N ILE A 37 -7.47 12.40 -10.68
CA ILE A 37 -6.35 13.03 -10.00
CA ILE A 37 -6.34 13.05 -10.02
C ILE A 37 -5.03 12.71 -10.71
N ALA A 38 -5.00 11.58 -11.39
CA ALA A 38 -3.77 11.08 -12.03
C ALA A 38 -4.09 10.61 -13.44
N PRO A 39 -4.03 11.53 -14.41
CA PRO A 39 -4.45 11.18 -15.76
C PRO A 39 -3.72 9.95 -16.32
N GLY A 40 -4.53 9.04 -16.86
CA GLY A 40 -4.05 7.81 -17.45
C GLY A 40 -3.58 6.73 -16.50
N TYR A 41 -3.81 6.94 -15.21
CA TYR A 41 -3.26 6.05 -14.18
C TYR A 41 -3.67 4.58 -14.43
N SER A 42 -4.95 4.35 -14.68
CA SER A 42 -5.47 2.99 -14.84
C SER A 42 -4.95 2.31 -16.11
N MET A 43 -4.51 3.10 -17.09
CA MET A 43 -3.87 2.60 -18.31
C MET A 43 -2.40 2.22 -18.10
N ILE A 44 -1.74 2.87 -17.14
CA ILE A 44 -0.33 2.67 -16.86
C ILE A 44 -0.09 1.60 -15.79
N ILE A 45 -0.99 1.57 -14.81
CA ILE A 45 -0.89 0.68 -13.65
C ILE A 45 -1.91 -0.45 -13.78
N LYS A 46 -1.43 -1.67 -14.01
CA LYS A 46 -2.32 -2.82 -14.26
C LYS A 46 -3.02 -3.33 -13.02
N HIS A 47 -2.32 -3.26 -11.88
CA HIS A 47 -2.80 -3.82 -10.64
C HIS A 47 -2.69 -2.80 -9.53
N PRO A 48 -3.70 -1.93 -9.43
CA PRO A 48 -3.68 -0.89 -8.39
C PRO A 48 -3.79 -1.45 -6.99
N MET A 49 -3.22 -0.72 -6.03
CA MET A 49 -3.29 -1.13 -4.64
C MET A 49 -3.16 0.11 -3.77
N ASP A 50 -3.75 0.03 -2.59
CA ASP A 50 -3.78 1.12 -1.61
C ASP A 50 -4.10 0.51 -0.25
N PHE A 51 -3.82 1.26 0.81
CA PHE A 51 -4.04 0.81 2.19
C PHE A 51 -5.51 0.48 2.47
N GLY A 52 -6.44 1.20 1.84
CA GLY A 52 -7.86 0.95 2.10
C GLY A 52 -8.30 -0.41 1.57
N THR A 53 -7.85 -0.72 0.36
CA THR A 53 -8.06 -2.03 -0.24
C THR A 53 -7.41 -3.10 0.65
N MET A 54 -6.21 -2.81 1.13
CA MET A 54 -5.52 -3.76 2.01
C MET A 54 -6.33 -4.02 3.26
N LYS A 55 -6.86 -2.98 3.86
CA LYS A 55 -7.72 -3.14 5.06
C LYS A 55 -8.90 -4.06 4.76
N ASP A 56 -9.58 -3.80 3.65
CA ASP A 56 -10.72 -4.62 3.26
C ASP A 56 -10.31 -6.08 3.06
N LYS A 57 -9.15 -6.31 2.46
CA LYS A 57 -8.66 -7.68 2.29
C LYS A 57 -8.40 -8.37 3.63
N ILE A 58 -7.86 -7.64 4.61
CA ILE A 58 -7.64 -8.21 5.94
C ILE A 58 -8.99 -8.63 6.54
N VAL A 59 -9.95 -7.71 6.53
CA VAL A 59 -11.23 -7.93 7.15
C VAL A 59 -11.99 -9.07 6.46
N ALA A 60 -11.81 -9.21 5.15
CA ALA A 60 -12.43 -10.26 4.36
C ALA A 60 -11.65 -11.59 4.47
N ASN A 61 -10.58 -11.59 5.28
CA ASN A 61 -9.68 -12.73 5.46
C ASN A 61 -9.09 -13.28 4.15
N GLU A 62 -8.65 -12.36 3.30
CA GLU A 62 -8.08 -12.67 1.99
CA GLU A 62 -8.10 -12.72 2.01
C GLU A 62 -6.56 -12.86 2.01
N TYR A 63 -5.90 -12.50 3.11
CA TYR A 63 -4.45 -12.77 3.31
C TYR A 63 -4.31 -14.00 4.21
N LYS A 64 -3.56 -15.01 3.77
CA LYS A 64 -3.27 -16.18 4.62
C LYS A 64 -1.81 -16.22 5.09
N SER A 65 -1.00 -15.26 4.67
CA SER A 65 0.38 -15.14 5.16
C SER A 65 0.83 -13.69 5.18
N VAL A 66 1.84 -13.43 6.01
CA VAL A 66 2.50 -12.14 6.03
C VAL A 66 3.14 -11.84 4.66
N THR A 67 3.72 -12.86 4.02
CA THR A 67 4.28 -12.69 2.67
C THR A 67 3.26 -12.09 1.69
N GLU A 68 2.02 -12.59 1.71
CA GLU A 68 1.00 -12.04 0.81
C GLU A 68 0.71 -10.56 1.09
N PHE A 69 0.62 -10.24 2.36
CA PHE A 69 0.37 -8.87 2.79
C PHE A 69 1.51 -7.95 2.34
N LYS A 70 2.75 -8.35 2.59
CA LYS A 70 3.91 -7.59 2.16
C LYS A 70 3.96 -7.37 0.63
N ALA A 71 3.51 -8.36 -0.16
CA ALA A 71 3.48 -8.25 -1.62
C ALA A 71 2.52 -7.16 -2.05
N ASP A 72 1.39 -7.03 -1.37
CA ASP A 72 0.44 -5.96 -1.70
C ASP A 72 1.02 -4.61 -1.32
N PHE A 73 1.66 -4.54 -0.16
CA PHE A 73 2.37 -3.31 0.24
C PHE A 73 3.42 -2.91 -0.79
N LYS A 74 4.24 -3.86 -1.23
CA LYS A 74 5.25 -3.57 -2.24
C LYS A 74 4.61 -3.16 -3.59
N LEU A 75 3.54 -3.84 -3.97
CA LEU A 75 2.81 -3.51 -5.20
C LEU A 75 2.37 -2.03 -5.16
N MET A 76 1.78 -1.62 -4.04
CA MET A 76 1.33 -0.22 -3.89
C MET A 76 2.51 0.75 -4.07
N CYS A 77 3.63 0.43 -3.43
CA CYS A 77 4.80 1.31 -3.54
C CYS A 77 5.39 1.31 -4.95
N ASP A 78 5.44 0.13 -5.57
CA ASP A 78 5.97 -0.02 -6.92
C ASP A 78 5.12 0.75 -7.89
N ASN A 79 3.81 0.71 -7.69
CA ASN A 79 2.91 1.45 -8.56
C ASN A 79 3.24 2.96 -8.52
N ALA A 80 3.48 3.49 -7.33
CA ALA A 80 3.83 4.92 -7.16
C ALA A 80 5.17 5.23 -7.84
N MET A 81 6.08 4.27 -7.78
CA MET A 81 7.39 4.46 -8.39
C MET A 81 7.39 4.24 -9.90
N THR A 82 6.29 3.71 -10.43
CA THR A 82 6.12 3.50 -11.86
C THR A 82 5.45 4.70 -12.51
N TYR A 83 4.34 5.15 -11.95
CA TYR A 83 3.58 6.22 -12.57
C TYR A 83 4.23 7.57 -12.42
N ASN A 84 4.76 7.83 -11.22
CA ASN A 84 5.42 9.08 -10.88
C ASN A 84 6.90 9.02 -11.22
N ARG A 85 7.45 10.20 -11.49
CA ARG A 85 8.86 10.38 -11.77
C ARG A 85 9.66 10.40 -10.47
N PRO A 86 10.94 10.02 -10.54
CA PRO A 86 11.83 10.01 -9.37
C PRO A 86 11.89 11.31 -8.54
N ASP A 87 11.72 12.46 -9.17
CA ASP A 87 11.88 13.74 -8.45
C ASP A 87 10.81 14.01 -7.37
N THR A 88 9.72 13.23 -7.40
CA THR A 88 8.43 13.70 -6.95
C THR A 88 7.99 13.18 -5.57
N VAL A 89 7.00 13.85 -4.99
CA VAL A 89 6.59 13.59 -3.60
C VAL A 89 6.10 12.14 -3.40
N TYR A 90 5.24 11.65 -4.29
CA TYR A 90 4.71 10.28 -4.16
C TYR A 90 5.77 9.19 -4.35
N TYR A 91 6.67 9.41 -5.32
CA TYR A 91 7.77 8.50 -5.59
C TYR A 91 8.68 8.40 -4.38
N LYS A 92 9.13 9.54 -3.87
CA LYS A 92 10.01 9.56 -2.69
C LYS A 92 9.35 8.91 -1.47
N LEU A 93 8.08 9.22 -1.23
CA LEU A 93 7.39 8.66 -0.06
C LEU A 93 7.20 7.15 -0.23
N ALA A 94 6.83 6.73 -1.44
CA ALA A 94 6.68 5.31 -1.72
C ALA A 94 7.99 4.55 -1.45
N LYS A 95 9.11 5.10 -1.94
CA LYS A 95 10.40 4.43 -1.75
C LYS A 95 10.77 4.37 -0.26
N LYS A 96 10.53 5.48 0.44
CA LYS A 96 10.85 5.59 1.87
C LYS A 96 10.07 4.58 2.70
N ILE A 97 8.76 4.53 2.48
CA ILE A 97 7.90 3.68 3.31
C ILE A 97 8.06 2.21 2.92
N LEU A 98 8.42 1.94 1.67
CA LEU A 98 8.68 0.55 1.24
C LEU A 98 9.78 -0.05 2.13
N HIS A 99 10.91 0.65 2.18
CA HIS A 99 12.06 0.20 2.97
C HIS A 99 11.74 0.15 4.44
N ALA A 100 11.14 1.21 4.99
CA ALA A 100 10.85 1.27 6.44
C ALA A 100 9.81 0.22 6.81
N GLY A 101 8.79 0.08 5.97
CA GLY A 101 7.73 -0.88 6.21
C GLY A 101 8.23 -2.33 6.19
N PHE A 102 9.04 -2.68 5.19
CA PHE A 102 9.61 -4.02 5.12
C PHE A 102 10.46 -4.32 6.37
N LYS A 103 11.25 -3.33 6.78
CA LYS A 103 12.10 -3.47 7.97
C LYS A 103 11.23 -3.69 9.18
N MET A 104 10.18 -2.87 9.28
CA MET A 104 9.22 -2.93 10.37
C MET A 104 8.57 -4.31 10.49
N MET A 105 8.24 -4.93 9.35
CA MET A 105 7.60 -6.25 9.28
C MET A 105 8.64 -7.38 9.24
N SER A 106 9.87 -7.04 9.62
CA SER A 106 11.04 -7.93 9.60
C SER A 106 11.28 -8.59 8.25
C13 I0D B . -5.51 11.74 -3.07
C17 I0D B . -5.00 13.04 -2.93
C21 I0D B . -2.80 12.28 -3.48
C26 I0D B . -1.81 9.82 -5.23
C01 I0D B . -8.67 9.88 -2.25
N05 I0D B . -7.22 10.09 -2.44
C06 I0D B . -6.69 9.22 -3.50
C09 I0D B . -5.18 9.29 -3.56
C12 I0D B . -4.65 10.70 -3.43
C14 I0D B . -6.97 11.49 -2.80
C19 I0D B . -3.66 13.31 -3.15
C23 I0D B . -3.30 10.98 -3.64
N24 I0D B . -2.41 9.94 -4.02
C27 I0D B . -2.21 10.65 -6.33
N29 I0D B . -1.70 10.61 -7.51
N30 I0D B . -0.71 9.69 -7.75
C31 I0D B . -0.22 9.68 -9.13
C35 I0D B . -0.21 8.79 -6.86
O36 I0D B . 0.68 8.01 -7.17
C37 I0D B . -0.81 8.90 -5.54
CL3 I0D B . -0.21 7.82 -4.32
C13 I0D C . 6.91 -7.44 17.79
C17 I0D C . 5.86 -6.54 17.79
C21 I0D C . 5.29 -7.13 15.53
C26 I0D C . 6.12 -10.00 13.94
C01 I0D C . 9.85 -8.40 19.94
N05 I0D C . 9.09 -8.18 18.70
C06 I0D C . 8.89 -9.44 17.99
C09 I0D C . 8.32 -9.19 16.60
C12 I0D C . 7.17 -8.19 16.63
C14 I0D C . 7.78 -7.58 19.01
C19 I0D C . 5.05 -6.38 16.68
C23 I0D C . 6.35 -8.03 15.51
N24 I0D C . 6.62 -8.80 14.34
C27 I0D C . 5.20 -10.73 14.77
N29 I0D C . 4.69 -11.88 14.46
N30 I0D C . 5.05 -12.45 13.27
C31 I0D C . 4.42 -13.73 13.00
C35 I0D C . 5.91 -11.90 12.35
O36 I0D C . 6.16 -12.48 11.30
C37 I0D C . 6.46 -10.62 12.76
CL3 I0D C . 7.55 -9.86 11.65
#